data_6BIB
#
_entry.id   6BIB
#
_cell.length_a   37.873
_cell.length_b   67.191
_cell.length_c   126.576
_cell.angle_alpha   90.000
_cell.angle_beta   90.000
_cell.angle_gamma   90.000
#
_symmetry.space_group_name_H-M   'P 21 21 21'
#
loop_
_entity.id
_entity.type
_entity.pdbx_description
1 polymer '3C-like protease'
2 non-polymer 'benzyl [(9S,12S,15S)-12-(cyclohexylmethyl)-9-(hydroxymethyl)-6,11,14-trioxo-1,5,10,13,18,19-hexaazabicyclo[15.2.1]icosa-17(20),18-dien-15-yl]carbamate'
3 water water
#
_entity_poly.entity_id   1
_entity_poly.type   'polypeptide(L)'
_entity_poly.pdbx_seq_one_letter_code
;MHHHHHHAPPTLWSRVTKFGSGWGFWVSPTVFITTTHVVPTGVKEFFGEPLSSIAIHQAGEFTQFRFSKKMRPDLTGMVL
EEGCPEGTVCSVLIKRDSGELLPLAVRMGAIASMRIQGRLVHGQSGMLLTGANAKGMDLGTIPGDCGAPYVHKRGNDWVV
CGVHAAATKSGNTVVCAVQAGEGETALE
;
_entity_poly.pdbx_strand_id   A,B
#
# COMPACT_ATOMS: atom_id res chain seq x y z
N HIS A 7 -15.78 7.39 0.54
CA HIS A 7 -14.84 6.35 1.08
C HIS A 7 -14.16 5.63 -0.08
N ALA A 8 -12.86 5.84 -0.27
CA ALA A 8 -12.15 5.15 -1.34
C ALA A 8 -11.96 3.68 -0.99
N PRO A 9 -12.30 2.75 -1.87
CA PRO A 9 -12.16 1.34 -1.56
C PRO A 9 -10.71 0.88 -1.69
N PRO A 10 -10.37 -0.25 -1.08
CA PRO A 10 -8.99 -0.76 -1.20
C PRO A 10 -8.42 -0.77 -2.61
N THR A 11 -9.17 -1.24 -3.62
CA THR A 11 -8.62 -1.32 -4.98
CA THR A 11 -8.61 -1.32 -4.97
C THR A 11 -8.17 0.05 -5.46
N LEU A 12 -8.93 1.09 -5.12
CA LEU A 12 -8.57 2.45 -5.51
C LEU A 12 -7.27 2.90 -4.84
N TRP A 13 -7.13 2.64 -3.54
CA TRP A 13 -5.86 2.91 -2.85
C TRP A 13 -4.73 2.11 -3.49
N SER A 14 -4.99 0.87 -3.87
CA SER A 14 -3.94 0.04 -4.42
C SER A 14 -3.42 0.57 -5.75
N ARG A 15 -4.13 1.51 -6.39
CA ARG A 15 -3.58 2.18 -7.58
C ARG A 15 -2.51 3.22 -7.25
N VAL A 16 -2.47 3.72 -6.02
CA VAL A 16 -1.46 4.70 -5.62
C VAL A 16 -0.16 3.95 -5.37
N THR A 17 0.92 4.36 -6.03
CA THR A 17 2.11 3.54 -6.14
C THR A 17 3.36 4.37 -5.87
N LYS A 18 4.24 3.89 -5.01
CA LYS A 18 5.48 4.61 -4.75
C LYS A 18 6.28 4.67 -6.05
N PHE A 19 6.84 5.85 -6.33
CA PHE A 19 7.52 6.11 -7.60
C PHE A 19 8.47 7.30 -7.43
N GLY A 20 9.76 7.06 -7.65
CA GLY A 20 10.71 8.16 -7.56
C GLY A 20 10.72 8.79 -6.19
N SER A 21 10.71 10.11 -6.16
CA SER A 21 10.66 10.86 -4.91
C SER A 21 9.23 11.10 -4.43
N GLY A 22 8.24 10.45 -5.05
CA GLY A 22 6.89 10.57 -4.57
C GLY A 22 6.06 9.36 -4.92
N TRP A 23 5.03 9.56 -5.75
CA TRP A 23 3.97 8.59 -5.98
C TRP A 23 3.44 8.78 -7.39
N GLY A 24 2.73 7.76 -7.85
CA GLY A 24 1.97 7.85 -9.08
C GLY A 24 0.70 7.03 -8.96
N PHE A 25 -0.08 6.89 -10.02
CA PHE A 25 -1.44 6.36 -9.92
C PHE A 25 -1.73 5.55 -11.18
N TRP A 26 -2.12 4.28 -11.01
CA TRP A 26 -2.52 3.46 -12.17
C TRP A 26 -3.96 3.85 -12.53
N VAL A 27 -4.10 4.61 -13.62
CA VAL A 27 -5.41 4.90 -14.16
C VAL A 27 -6.05 3.63 -14.74
N SER A 28 -5.26 2.76 -15.28
CA SER A 28 -5.76 1.58 -15.95
C SER A 28 -4.67 0.53 -15.91
N PRO A 29 -4.90 -0.67 -16.45
CA PRO A 29 -3.83 -1.69 -16.44
C PRO A 29 -2.57 -1.25 -17.17
N THR A 30 -2.64 -0.24 -18.06
CA THR A 30 -1.51 0.17 -18.87
C THR A 30 -1.05 1.61 -18.69
N VAL A 31 -1.84 2.45 -18.01
CA VAL A 31 -1.58 3.88 -17.93
C VAL A 31 -1.29 4.27 -16.49
N PHE A 32 -0.14 4.91 -16.30
CA PHE A 32 0.35 5.37 -15.02
C PHE A 32 0.59 6.87 -15.12
N ILE A 33 0.13 7.64 -14.13
CA ILE A 33 0.33 9.09 -14.12
C ILE A 33 1.02 9.52 -12.84
N THR A 34 1.83 10.57 -12.98
CA THR A 34 2.56 11.14 -11.88
C THR A 34 2.85 12.61 -12.21
N THR A 35 3.53 13.26 -11.28
CA THR A 35 4.06 14.61 -11.48
C THR A 35 5.46 14.53 -12.04
N THR A 36 5.72 15.37 -13.03
CA THR A 36 6.95 15.23 -13.79
C THR A 36 8.16 15.28 -12.88
N HIS A 37 8.16 16.15 -11.90
CA HIS A 37 9.38 16.40 -11.18
C HIS A 37 9.72 15.30 -10.20
N VAL A 38 8.82 14.32 -9.98
CA VAL A 38 9.21 13.19 -9.13
C VAL A 38 9.76 12.05 -9.95
N VAL A 39 9.63 12.09 -11.26
CA VAL A 39 10.18 11.01 -12.08
C VAL A 39 11.68 10.96 -11.83
N PRO A 40 12.25 9.81 -11.44
CA PRO A 40 13.71 9.74 -11.20
C PRO A 40 14.51 9.99 -12.48
N THR A 41 15.50 10.87 -12.37
CA THR A 41 16.38 11.22 -13.49
C THR A 41 17.42 10.13 -13.73
N GLY A 42 17.74 9.90 -15.02
CA GLY A 42 18.85 9.04 -15.37
C GLY A 42 18.66 7.56 -15.05
N VAL A 43 17.43 7.10 -14.87
CA VAL A 43 17.18 5.67 -14.73
C VAL A 43 16.71 5.15 -16.09
N LYS A 44 16.93 3.86 -16.33
CA LYS A 44 16.69 3.29 -17.66
C LYS A 44 15.48 2.36 -17.71
N GLU A 45 14.85 2.05 -16.57
CA GLU A 45 13.70 1.16 -16.54
C GLU A 45 12.68 1.62 -15.49
N PHE A 46 11.39 1.50 -15.81
CA PHE A 46 10.31 1.70 -14.83
C PHE A 46 9.47 0.44 -14.70
N PHE A 47 9.30 -0.02 -13.45
CA PHE A 47 8.47 -1.20 -13.16
C PHE A 47 8.98 -2.39 -13.97
N GLY A 48 10.29 -2.49 -14.10
CA GLY A 48 10.91 -3.62 -14.78
C GLY A 48 10.84 -3.58 -16.29
N GLU A 49 10.45 -2.45 -16.89
CA GLU A 49 10.37 -2.31 -18.33
C GLU A 49 11.39 -1.30 -18.84
N PRO A 50 12.07 -1.57 -19.95
CA PRO A 50 12.97 -0.56 -20.51
C PRO A 50 12.23 0.68 -21.00
N LEU A 51 12.87 1.84 -20.84
CA LEU A 51 12.26 3.09 -21.28
C LEU A 51 11.82 3.00 -22.74
N SER A 52 12.53 2.20 -23.54
CA SER A 52 12.13 2.02 -24.94
C SER A 52 10.69 1.49 -25.03
N SER A 53 10.25 0.69 -24.06
CA SER A 53 8.96 0.04 -24.18
C SER A 53 7.80 0.89 -23.68
N ILE A 54 8.09 2.09 -23.15
CA ILE A 54 7.09 2.94 -22.50
C ILE A 54 6.84 4.17 -23.37
N ALA A 55 5.58 4.43 -23.74
CA ALA A 55 5.17 5.73 -24.28
C ALA A 55 5.06 6.78 -23.17
N ILE A 56 5.74 7.92 -23.32
CA ILE A 56 5.80 8.94 -22.28
C ILE A 56 5.34 10.27 -22.83
N HIS A 57 4.33 10.86 -22.19
CA HIS A 57 3.77 12.16 -22.53
C HIS A 57 3.81 13.05 -21.29
N GLN A 58 4.42 14.22 -21.41
CA GLN A 58 4.76 15.07 -20.26
C GLN A 58 4.50 16.50 -20.65
N ALA A 59 3.62 17.19 -19.94
CA ALA A 59 3.46 18.63 -20.11
C ALA A 59 3.03 19.30 -18.82
N GLY A 60 3.67 20.43 -18.51
CA GLY A 60 3.14 21.30 -17.45
C GLY A 60 3.10 20.63 -16.10
N GLU A 61 4.06 19.74 -15.82
CA GLU A 61 4.27 18.95 -14.61
C GLU A 61 3.34 17.75 -14.50
N PHE A 62 2.58 17.46 -15.54
CA PHE A 62 1.80 16.24 -15.64
C PHE A 62 2.51 15.26 -16.56
N THR A 63 2.73 14.04 -16.05
CA THR A 63 3.40 12.98 -16.79
C THR A 63 2.49 11.77 -16.87
N GLN A 64 2.37 11.23 -18.07
CA GLN A 64 1.62 10.01 -18.31
C GLN A 64 2.54 8.98 -18.97
N PHE A 65 2.54 7.78 -18.40
CA PHE A 65 3.22 6.61 -18.96
C PHE A 65 2.17 5.69 -19.55
N ARG A 66 2.44 5.16 -20.73
CA ARG A 66 1.58 4.15 -21.35
C ARG A 66 2.48 2.96 -21.69
N PHE A 67 2.14 1.80 -21.13
CA PHE A 67 3.04 0.67 -21.20
C PHE A 67 2.56 -0.22 -22.34
N SER A 68 3.45 -1.13 -22.78
CA SER A 68 3.13 -1.99 -23.93
C SER A 68 2.44 -3.28 -23.53
N LYS A 69 2.30 -3.54 -22.23
CA LYS A 69 1.58 -4.71 -21.72
C LYS A 69 0.77 -4.26 -20.51
N LYS A 70 -0.15 -5.13 -20.10
CA LYS A 70 -0.91 -4.86 -18.89
C LYS A 70 0.02 -5.03 -17.70
N MET A 71 0.30 -3.91 -17.03
CA MET A 71 1.10 -3.91 -15.81
C MET A 71 0.24 -4.23 -14.60
N ARG A 72 -1.03 -3.86 -14.64
CA ARG A 72 -1.94 -4.03 -13.50
C ARG A 72 -3.23 -4.61 -14.03
N PRO A 73 -3.21 -5.90 -14.43
CA PRO A 73 -4.43 -6.50 -14.99
C PRO A 73 -5.56 -6.64 -14.00
N ASP A 74 -5.28 -6.59 -12.69
CA ASP A 74 -6.34 -6.60 -11.69
C ASP A 74 -7.23 -5.36 -11.77
N LEU A 75 -6.79 -4.30 -12.43
CA LEU A 75 -7.53 -3.07 -12.45
C LEU A 75 -8.42 -2.98 -13.69
N THR A 76 -9.47 -2.20 -13.57
CA THR A 76 -10.22 -1.66 -14.68
C THR A 76 -9.74 -0.25 -15.00
N GLY A 77 -10.12 0.22 -16.18
CA GLY A 77 -9.85 1.59 -16.55
C GLY A 77 -10.81 2.51 -15.84
N MET A 78 -10.30 3.65 -15.38
CA MET A 78 -11.16 4.65 -14.79
C MET A 78 -10.98 5.95 -15.56
N VAL A 79 -11.96 6.85 -15.43
CA VAL A 79 -11.97 8.08 -16.21
C VAL A 79 -10.92 9.03 -15.67
N LEU A 80 -10.07 9.55 -16.56
CA LEU A 80 -9.12 10.61 -16.26
C LEU A 80 -9.60 11.91 -16.90
N GLU A 81 -9.81 12.94 -16.10
CA GLU A 81 -10.27 14.23 -16.60
C GLU A 81 -9.18 15.30 -16.51
N GLU A 82 -9.34 16.35 -17.31
CA GLU A 82 -8.45 17.50 -17.21
C GLU A 82 -8.99 18.39 -16.11
N GLY A 83 -8.61 18.08 -14.88
CA GLY A 83 -9.16 18.79 -13.75
C GLY A 83 -10.65 18.52 -13.56
N CYS A 84 -11.25 19.31 -12.70
CA CYS A 84 -12.66 19.14 -12.38
C CYS A 84 -13.31 20.50 -12.21
N PRO A 85 -14.63 20.55 -12.23
CA PRO A 85 -15.30 21.84 -12.02
C PRO A 85 -14.87 22.48 -10.71
N GLU A 86 -14.72 23.81 -10.75
CA GLU A 86 -14.52 24.58 -9.53
C GLU A 86 -15.63 24.28 -8.53
N GLY A 87 -15.26 24.22 -7.26
CA GLY A 87 -16.16 23.82 -6.20
C GLY A 87 -16.22 22.34 -5.92
N THR A 88 -15.89 21.50 -6.91
CA THR A 88 -15.82 20.05 -6.66
C THR A 88 -14.97 19.79 -5.43
N VAL A 89 -15.48 18.98 -4.52
CA VAL A 89 -14.70 18.50 -3.38
C VAL A 89 -14.03 17.20 -3.80
N CYS A 90 -12.71 17.24 -3.93
CA CYS A 90 -11.95 16.04 -4.24
C CYS A 90 -11.37 15.44 -2.98
N SER A 91 -10.86 14.23 -3.12
CA SER A 91 -10.00 13.61 -2.14
CA SER A 91 -10.01 13.58 -2.14
C SER A 91 -8.63 13.42 -2.74
N VAL A 92 -7.60 13.82 -2.00
CA VAL A 92 -6.22 13.53 -2.36
C VAL A 92 -5.89 12.21 -1.67
N LEU A 93 -5.64 11.16 -2.44
CA LEU A 93 -5.35 9.85 -1.86
C LEU A 93 -3.86 9.80 -1.52
N ILE A 94 -3.53 10.29 -0.34
CA ILE A 94 -2.15 10.32 0.11
C ILE A 94 -1.76 9.00 0.77
N LYS A 95 -0.66 8.47 0.33
CA LYS A 95 0.04 7.38 1.00
C LYS A 95 1.31 7.96 1.55
N ARG A 96 1.57 7.65 2.80
CA ARG A 96 2.83 7.98 3.45
C ARG A 96 3.80 6.80 3.41
N ASP A 97 5.08 7.14 3.50
CA ASP A 97 6.14 6.13 3.53
C ASP A 97 5.91 5.10 4.65
N SER A 98 5.32 5.52 5.77
CA SER A 98 4.99 4.58 6.84
C SER A 98 3.94 3.58 6.45
N GLY A 99 3.18 3.86 5.39
CA GLY A 99 2.05 3.05 4.97
C GLY A 99 0.72 3.65 5.33
N GLU A 100 0.68 4.65 6.19
CA GLU A 100 -0.58 5.32 6.52
C GLU A 100 -1.26 5.86 5.27
N LEU A 101 -2.58 5.70 5.23
CA LEU A 101 -3.45 6.29 4.23
C LEU A 101 -4.03 7.58 4.78
N LEU A 102 -4.02 8.62 3.97
CA LEU A 102 -4.44 9.94 4.43
C LEU A 102 -5.28 10.60 3.36
N PRO A 103 -6.56 10.27 3.27
CA PRO A 103 -7.35 10.94 2.24
C PRO A 103 -7.68 12.35 2.72
N LEU A 104 -7.28 13.35 1.97
CA LEU A 104 -7.50 14.75 2.33
C LEU A 104 -8.57 15.33 1.43
N ALA A 105 -9.59 15.90 2.04
CA ALA A 105 -10.64 16.61 1.31
C ALA A 105 -10.13 17.97 0.86
N VAL A 106 -10.41 18.31 -0.39
CA VAL A 106 -9.99 19.57 -1.00
CA VAL A 106 -9.98 19.59 -0.98
C VAL A 106 -11.15 20.13 -1.81
N ARG A 107 -11.47 21.40 -1.61
CA ARG A 107 -12.43 22.07 -2.49
C ARG A 107 -11.63 22.73 -3.61
N MET A 108 -11.85 22.30 -4.84
CA MET A 108 -11.03 22.75 -5.94
C MET A 108 -11.46 24.13 -6.44
N GLY A 109 -10.48 24.94 -6.84
CA GLY A 109 -10.72 26.22 -7.50
C GLY A 109 -10.47 26.16 -9.00
N ALA A 110 -9.91 27.23 -9.54
CA ALA A 110 -9.77 27.36 -10.99
C ALA A 110 -8.58 26.58 -11.53
N ILE A 111 -8.73 26.08 -12.75
CA ILE A 111 -7.60 25.59 -13.53
C ILE A 111 -6.80 26.77 -14.05
N ALA A 112 -5.49 26.70 -13.94
CA ALA A 112 -4.71 27.86 -14.37
C ALA A 112 -3.28 27.42 -14.67
N SER A 113 -2.63 28.16 -15.58
CA SER A 113 -1.18 28.18 -15.61
C SER A 113 -0.64 28.87 -14.37
N MET A 114 0.44 28.33 -13.83
CA MET A 114 1.04 28.82 -12.60
C MET A 114 2.55 28.66 -12.70
N ARG A 115 3.26 29.61 -12.14
CA ARG A 115 4.73 29.60 -12.07
C ARG A 115 5.07 29.19 -10.64
N ILE A 116 5.62 27.99 -10.46
CA ILE A 116 5.93 27.51 -9.12
C ILE A 116 7.41 27.16 -9.08
N GLN A 117 8.13 27.81 -8.16
CA GLN A 117 9.59 27.77 -8.12
C GLN A 117 10.17 27.78 -9.51
N GLY A 118 9.69 28.73 -10.32
CA GLY A 118 10.22 28.97 -11.66
C GLY A 118 9.72 28.06 -12.76
N ARG A 119 8.98 27.01 -12.47
CA ARG A 119 8.48 26.11 -13.49
C ARG A 119 7.02 26.36 -13.80
N LEU A 120 6.67 26.08 -15.05
CA LEU A 120 5.31 26.25 -15.53
C LEU A 120 4.53 25.02 -15.14
N VAL A 121 3.45 25.22 -14.41
CA VAL A 121 2.56 24.16 -13.98
C VAL A 121 1.20 24.47 -14.57
N HIS A 122 0.65 23.49 -15.26
CA HIS A 122 -0.75 23.49 -15.70
C HIS A 122 -1.54 22.83 -14.60
N GLY A 123 -2.14 23.63 -13.74
CA GLY A 123 -2.59 23.12 -12.46
C GLY A 123 -3.98 23.60 -12.11
N GLN A 124 -4.42 23.10 -10.97
CA GLN A 124 -5.69 23.47 -10.37
C GLN A 124 -5.44 23.60 -8.88
N SER A 125 -5.76 24.74 -8.32
CA SER A 125 -5.54 24.93 -6.90
C SER A 125 -6.75 24.45 -6.14
N GLY A 126 -6.56 24.22 -4.84
CA GLY A 126 -7.65 23.84 -3.98
C GLY A 126 -7.36 24.27 -2.55
N MET A 127 -8.42 24.26 -1.75
CA MET A 127 -8.35 24.65 -0.35
C MET A 127 -8.54 23.39 0.46
N LEU A 128 -7.55 23.05 1.28
CA LEU A 128 -7.72 21.91 2.17
C LEU A 128 -8.85 22.22 3.13
N LEU A 129 -9.76 21.26 3.28
CA LEU A 129 -10.91 21.37 4.21
C LEU A 129 -10.63 20.72 5.56
N LEU A 139 -3.87 18.56 9.40
CA LEU A 139 -3.60 17.57 8.34
C LEU A 139 -3.35 18.23 7.00
N GLY A 140 -2.08 18.33 6.60
CA GLY A 140 -1.71 18.91 5.32
C GLY A 140 -0.78 18.00 4.52
N THR A 141 -0.23 18.49 3.41
CA THR A 141 0.66 17.70 2.56
C THR A 141 2.12 18.01 2.86
N ILE A 142 2.99 17.07 2.54
CA ILE A 142 4.41 17.19 2.88
C ILE A 142 5.23 16.94 1.64
N PRO A 143 6.53 17.28 1.65
CA PRO A 143 7.35 17.13 0.46
C PRO A 143 7.22 15.79 -0.21
N GLY A 144 6.99 14.70 0.55
CA GLY A 144 6.92 13.38 -0.04
C GLY A 144 5.65 13.01 -0.77
N ASP A 145 4.65 13.88 -0.83
CA ASP A 145 3.32 13.49 -1.28
C ASP A 145 3.07 13.70 -2.77
N CYS A 146 4.04 14.23 -3.51
CA CYS A 146 3.81 14.63 -4.88
C CYS A 146 3.56 13.39 -5.73
N GLY A 147 2.58 13.52 -6.64
CA GLY A 147 2.07 12.43 -7.45
C GLY A 147 0.79 11.81 -6.92
N ALA A 148 0.40 12.07 -5.67
CA ALA A 148 -0.80 11.46 -5.14
C ALA A 148 -2.01 11.99 -5.92
N PRO A 149 -2.98 11.14 -6.21
CA PRO A 149 -4.06 11.50 -7.10
C PRO A 149 -5.14 12.32 -6.42
N TYR A 150 -5.71 13.24 -7.19
CA TYR A 150 -6.95 13.93 -6.84
C TYR A 150 -8.09 13.24 -7.54
N VAL A 151 -9.04 12.72 -6.75
CA VAL A 151 -10.15 11.95 -7.28
C VAL A 151 -11.44 12.50 -6.69
N HIS A 152 -12.53 12.21 -7.38
CA HIS A 152 -13.86 12.43 -6.82
C HIS A 152 -14.80 11.40 -7.44
N LYS A 153 -15.84 11.07 -6.70
CA LYS A 153 -16.79 10.02 -7.11
C LYS A 153 -17.89 10.68 -7.94
N ARG A 154 -18.01 10.25 -9.19
CA ARG A 154 -19.05 10.75 -10.09
C ARG A 154 -20.14 9.69 -10.13
N GLY A 155 -21.16 9.87 -9.30
CA GLY A 155 -22.22 8.89 -9.26
C GLY A 155 -21.76 7.55 -8.70
N ASN A 156 -21.54 6.56 -9.57
CA ASN A 156 -21.08 5.26 -9.13
C ASN A 156 -19.57 5.11 -9.25
N ASP A 157 -18.95 5.85 -10.16
CA ASP A 157 -17.55 5.60 -10.51
C ASP A 157 -16.65 6.71 -9.99
N TRP A 158 -15.39 6.34 -9.78
CA TRP A 158 -14.38 7.27 -9.33
C TRP A 158 -13.68 7.89 -10.54
N VAL A 159 -13.44 9.20 -10.47
CA VAL A 159 -12.75 9.93 -11.53
C VAL A 159 -11.48 10.52 -10.94
N VAL A 160 -10.37 10.40 -11.65
CA VAL A 160 -9.14 11.04 -11.23
C VAL A 160 -8.93 12.24 -12.12
N CYS A 161 -8.54 13.37 -11.52
CA CYS A 161 -8.44 14.57 -12.30
C CYS A 161 -7.14 15.36 -12.13
N GLY A 162 -6.19 14.87 -11.36
CA GLY A 162 -4.93 15.55 -11.18
C GLY A 162 -4.02 14.77 -10.26
N VAL A 163 -2.76 15.21 -10.21
CA VAL A 163 -1.72 14.62 -9.37
C VAL A 163 -1.06 15.71 -8.53
N HIS A 164 -0.76 15.40 -7.27
CA HIS A 164 -0.31 16.44 -6.34
C HIS A 164 1.04 17.01 -6.77
N ALA A 165 1.14 18.35 -6.82
CA ALA A 165 2.34 19.01 -7.33
C ALA A 165 2.96 19.99 -6.36
N ALA A 166 2.15 20.65 -5.55
CA ALA A 166 2.69 21.76 -4.77
C ALA A 166 1.69 22.18 -3.70
N ALA A 167 2.21 22.90 -2.70
CA ALA A 167 1.38 23.50 -1.68
C ALA A 167 2.05 24.81 -1.24
N THR A 168 1.24 25.77 -0.81
CA THR A 168 1.79 27.00 -0.22
C THR A 168 2.48 26.72 1.11
N LYS A 169 3.32 27.67 1.55
CA LYS A 169 4.07 27.51 2.78
C LYS A 169 3.15 27.37 3.97
N SER A 170 2.08 28.18 4.01
CA SER A 170 0.98 27.91 4.92
C SER A 170 0.60 26.44 4.92
N GLY A 171 0.42 25.87 3.72
CA GLY A 171 -0.15 24.55 3.58
C GLY A 171 -1.65 24.54 3.31
N ASN A 172 -2.34 25.67 3.51
CA ASN A 172 -3.80 25.72 3.34
C ASN A 172 -4.22 25.52 1.88
N THR A 173 -3.40 25.94 0.92
CA THR A 173 -3.72 25.84 -0.50
C THR A 173 -2.83 24.78 -1.16
N VAL A 174 -3.45 23.90 -1.95
CA VAL A 174 -2.69 22.85 -2.63
C VAL A 174 -2.89 23.01 -4.13
N VAL A 175 -1.96 22.47 -4.93
CA VAL A 175 -2.03 22.50 -6.39
C VAL A 175 -1.85 21.08 -6.92
N CYS A 176 -2.77 20.64 -7.77
CA CYS A 176 -2.53 19.45 -8.58
C CYS A 176 -2.22 19.84 -10.03
N ALA A 177 -1.27 19.12 -10.61
CA ALA A 177 -1.04 19.21 -12.05
C ALA A 177 -2.14 18.45 -12.76
N VAL A 178 -2.57 18.97 -13.91
CA VAL A 178 -3.65 18.34 -14.65
C VAL A 178 -3.20 18.19 -16.10
N GLN A 179 -3.87 17.26 -16.76
CA GLN A 179 -3.63 16.94 -18.17
C GLN A 179 -3.74 18.17 -19.07
N ALA A 180 -2.95 18.15 -20.15
CA ALA A 180 -2.93 19.24 -21.13
C ALA A 180 -4.32 19.54 -21.71
N HIS B 6 -16.80 -11.16 4.92
CA HIS B 6 -16.11 -9.96 5.51
C HIS B 6 -14.93 -9.49 4.66
N HIS B 7 -14.94 -8.23 4.27
CA HIS B 7 -13.93 -7.64 3.41
C HIS B 7 -13.03 -6.68 4.19
N ALA B 8 -11.72 -6.86 4.08
CA ALA B 8 -10.77 -6.03 4.78
C ALA B 8 -10.86 -4.57 4.33
N PRO B 9 -10.96 -3.61 5.23
CA PRO B 9 -11.02 -2.20 4.83
C PRO B 9 -9.63 -1.64 4.56
N PRO B 10 -9.57 -0.48 3.90
CA PRO B 10 -8.25 0.11 3.57
C PRO B 10 -7.28 0.16 4.73
N THR B 11 -7.70 0.63 5.92
CA THR B 11 -6.80 0.75 7.05
CA THR B 11 -6.72 0.77 7.00
C THR B 11 -6.12 -0.58 7.35
N LEU B 12 -6.88 -1.66 7.21
CA LEU B 12 -6.33 -2.98 7.51
C LEU B 12 -5.25 -3.34 6.51
N TRP B 13 -5.52 -3.09 5.22
CA TRP B 13 -4.48 -3.29 4.20
C TRP B 13 -3.26 -2.41 4.46
N SER B 14 -3.45 -1.22 5.02
CA SER B 14 -2.33 -0.30 5.21
C SER B 14 -1.37 -0.81 6.27
N ARG B 15 -1.77 -1.80 7.05
CA ARG B 15 -0.87 -2.43 8.02
C ARG B 15 0.10 -3.39 7.36
N VAL B 16 -0.23 -3.88 6.17
CA VAL B 16 0.63 -4.83 5.47
C VAL B 16 1.74 -4.03 4.80
N THR B 17 2.97 -4.38 5.12
CA THR B 17 4.12 -3.52 4.94
C THR B 17 5.24 -4.32 4.29
N LYS B 18 5.78 -3.82 3.18
CA LYS B 18 6.91 -4.49 2.58
C LYS B 18 8.06 -4.57 3.58
N PHE B 19 8.70 -5.73 3.66
CA PHE B 19 9.70 -5.93 4.70
C PHE B 19 10.66 -7.03 4.26
N GLY B 20 11.93 -6.73 4.19
CA GLY B 20 12.90 -7.73 3.78
C GLY B 20 12.53 -8.34 2.45
N SER B 21 12.64 -9.67 2.37
CA SER B 21 12.23 -10.43 1.19
C SER B 21 10.73 -10.78 1.17
N GLY B 22 9.91 -10.12 1.99
CA GLY B 22 8.49 -10.44 2.05
C GLY B 22 7.72 -9.27 2.62
N TRP B 23 6.94 -9.53 3.67
CA TRP B 23 6.04 -8.52 4.22
C TRP B 23 6.00 -8.69 5.72
N GLY B 24 5.41 -7.70 6.38
CA GLY B 24 5.02 -7.83 7.77
C GLY B 24 3.76 -7.04 8.01
N PHE B 25 3.34 -6.95 9.27
CA PHE B 25 2.02 -6.44 9.60
C PHE B 25 2.07 -5.63 10.88
N TRP B 26 1.57 -4.40 10.84
CA TRP B 26 1.42 -3.58 12.07
C TRP B 26 0.20 -4.03 12.85
N VAL B 27 0.42 -4.74 13.97
CA VAL B 27 -0.66 -5.09 14.84
C VAL B 27 -1.16 -3.86 15.62
N SER B 28 -0.28 -2.95 15.94
CA SER B 28 -0.60 -1.76 16.71
C SER B 28 0.38 -0.67 16.34
N PRO B 29 0.24 0.53 16.91
CA PRO B 29 1.23 1.57 16.66
C PRO B 29 2.64 1.15 16.93
N THR B 30 2.85 0.18 17.83
CA THR B 30 4.19 -0.25 18.22
C THR B 30 4.55 -1.71 17.93
N VAL B 31 3.61 -2.57 17.53
CA VAL B 31 3.90 -3.98 17.35
C VAL B 31 3.77 -4.33 15.87
N PHE B 32 4.86 -4.90 15.33
CA PHE B 32 5.01 -5.39 13.96
C PHE B 32 5.34 -6.87 13.99
N ILE B 33 4.65 -7.67 13.19
CA ILE B 33 4.94 -9.09 13.07
C ILE B 33 5.30 -9.48 11.64
N THR B 34 6.07 -10.55 11.52
CA THR B 34 6.51 -11.02 10.22
C THR B 34 6.99 -12.46 10.39
N THR B 35 7.46 -13.02 9.30
CA THR B 35 7.94 -14.39 9.26
C THR B 35 9.46 -14.34 9.34
N THR B 36 10.02 -15.19 10.20
CA THR B 36 11.42 -15.03 10.56
C THR B 36 12.32 -15.05 9.31
N HIS B 37 12.04 -15.92 8.36
CA HIS B 37 13.01 -16.07 7.27
C HIS B 37 12.97 -14.92 6.26
N VAL B 38 12.03 -13.97 6.33
CA VAL B 38 12.11 -12.81 5.45
C VAL B 38 12.90 -11.66 6.09
N VAL B 39 13.25 -11.77 7.36
CA VAL B 39 13.86 -10.63 8.07
C VAL B 39 15.30 -10.44 7.58
N PRO B 40 15.72 -9.22 7.25
CA PRO B 40 17.12 -9.01 6.89
C PRO B 40 18.04 -9.28 8.06
N THR B 41 19.21 -9.84 7.77
CA THR B 41 20.19 -10.18 8.79
C THR B 41 21.29 -9.12 8.81
N GLY B 42 21.93 -8.98 9.97
CA GLY B 42 23.05 -8.07 10.11
C GLY B 42 22.71 -6.63 9.81
N VAL B 43 21.56 -6.17 10.29
CA VAL B 43 21.22 -4.75 10.26
C VAL B 43 21.20 -4.26 11.69
N LYS B 44 21.34 -2.95 11.84
CA LYS B 44 21.40 -2.30 13.13
C LYS B 44 20.12 -1.57 13.46
N GLU B 45 19.16 -1.54 12.54
CA GLU B 45 17.95 -0.77 12.76
C GLU B 45 16.84 -1.31 11.88
N PHE B 46 15.61 -1.02 12.29
CA PHE B 46 14.42 -1.35 11.50
C PHE B 46 13.54 -0.14 11.55
N PHE B 47 13.07 0.29 10.37
CA PHE B 47 12.22 1.48 10.26
C PHE B 47 12.86 2.66 10.97
N GLY B 48 14.17 2.76 10.84
CA GLY B 48 14.93 3.88 11.34
C GLY B 48 15.18 3.84 12.83
N GLU B 49 14.69 2.80 13.53
CA GLU B 49 14.87 2.69 14.96
C GLU B 49 16.04 1.77 15.27
N PRO B 50 16.94 2.15 16.18
CA PRO B 50 18.04 1.24 16.52
C PRO B 50 17.50 -0.01 17.18
N LEU B 51 18.13 -1.13 16.85
CA LEU B 51 17.77 -2.42 17.42
C LEU B 51 17.59 -2.29 18.93
N SER B 52 18.53 -1.61 19.58
CA SER B 52 18.49 -1.44 21.03
C SER B 52 17.17 -0.90 21.52
N SER B 53 16.38 -0.24 20.67
CA SER B 53 15.12 0.34 21.09
C SER B 53 13.94 -0.57 20.78
N ILE B 54 14.18 -1.81 20.39
CA ILE B 54 13.11 -2.71 19.96
C ILE B 54 13.20 -4.02 20.74
N ALA B 55 12.08 -4.47 21.27
CA ALA B 55 12.03 -5.79 21.85
C ALA B 55 11.64 -6.80 20.76
N ILE B 56 12.53 -7.76 20.50
CA ILE B 56 12.39 -8.71 19.40
C ILE B 56 12.25 -10.10 19.99
N HIS B 57 11.25 -10.85 19.52
CA HIS B 57 11.03 -12.24 19.90
C HIS B 57 10.74 -13.08 18.66
N GLN B 58 11.45 -14.20 18.54
CA GLN B 58 11.38 -15.08 17.39
C GLN B 58 11.22 -16.50 17.87
N ALA B 59 10.23 -17.20 17.32
CA ALA B 59 10.02 -18.60 17.63
C ALA B 59 9.41 -19.28 16.41
N GLY B 60 10.02 -20.34 15.92
CA GLY B 60 9.34 -21.22 14.97
C GLY B 60 8.79 -20.50 13.76
N GLU B 61 9.54 -19.53 13.24
CA GLU B 61 9.27 -18.75 12.04
C GLU B 61 8.29 -17.60 12.32
N PHE B 62 7.98 -17.30 13.58
CA PHE B 62 7.16 -16.16 13.94
C PHE B 62 8.07 -15.15 14.62
N THR B 63 8.10 -13.91 14.09
CA THR B 63 8.86 -12.81 14.66
C THR B 63 7.95 -11.65 15.03
N GLN B 64 8.20 -11.09 16.20
CA GLN B 64 7.44 -9.97 16.74
C GLN B 64 8.41 -8.87 17.16
N PHE B 65 8.14 -7.66 16.69
CA PHE B 65 8.86 -6.46 17.07
CA PHE B 65 8.87 -6.47 17.08
C PHE B 65 7.96 -5.58 17.92
N ARG B 66 8.49 -5.05 19.01
CA ARG B 66 7.78 -4.03 19.77
C ARG B 66 8.70 -2.83 19.87
N PHE B 67 8.32 -1.73 19.23
CA PHE B 67 9.14 -0.52 19.24
C PHE B 67 8.90 0.33 20.48
N SER B 68 9.92 1.12 20.84
CA SER B 68 9.85 2.07 21.95
C SER B 68 8.99 3.28 21.64
N LYS B 69 8.90 3.64 20.38
CA LYS B 69 8.18 4.81 19.91
C LYS B 69 6.98 4.36 19.10
N LYS B 70 5.94 5.16 19.07
CA LYS B 70 4.82 4.85 18.19
C LYS B 70 5.28 5.00 16.75
N MET B 71 5.22 3.92 15.98
CA MET B 71 5.61 3.97 14.57
C MET B 71 4.42 4.20 13.67
N ARG B 72 3.24 3.73 14.05
CA ARG B 72 2.02 3.94 13.30
C ARG B 72 0.96 4.43 14.27
N PRO B 73 1.08 5.68 14.74
CA PRO B 73 0.12 6.24 15.71
C PRO B 73 -1.29 6.44 15.13
N ASP B 74 -1.45 6.36 13.80
CA ASP B 74 -2.75 6.35 13.16
C ASP B 74 -3.52 5.08 13.43
N LEU B 75 -2.85 4.03 13.88
CA LEU B 75 -3.48 2.72 14.02
C LEU B 75 -4.01 2.49 15.41
N THR B 76 -5.14 1.80 15.48
CA THR B 76 -5.55 1.20 16.72
C THR B 76 -4.86 -0.16 16.90
N GLY B 77 -4.88 -0.63 18.15
CA GLY B 77 -4.37 -1.95 18.43
C GLY B 77 -5.42 -2.99 18.04
N MET B 78 -4.97 -4.10 17.47
CA MET B 78 -5.87 -5.21 17.23
C MET B 78 -5.36 -6.41 18.02
N VAL B 79 -6.21 -7.41 18.14
CA VAL B 79 -5.88 -8.67 18.84
C VAL B 79 -4.99 -9.54 17.96
N LEU B 80 -3.87 -10.01 18.53
CA LEU B 80 -3.02 -11.07 17.97
C LEU B 80 -3.34 -12.34 18.75
N GLU B 81 -3.78 -13.37 18.06
CA GLU B 81 -4.00 -14.65 18.71
C GLU B 81 -3.06 -15.71 18.14
N GLU B 82 -2.84 -16.77 18.90
CA GLU B 82 -1.96 -17.86 18.46
C GLU B 82 -2.79 -18.76 17.55
N GLY B 83 -2.81 -18.46 16.28
CA GLY B 83 -3.61 -19.24 15.35
C GLY B 83 -5.07 -19.03 15.69
N CYS B 84 -5.92 -19.82 15.05
CA CYS B 84 -7.36 -19.63 15.20
C CYS B 84 -8.04 -20.98 15.35
N PRO B 85 -9.32 -21.02 15.75
CA PRO B 85 -10.00 -22.31 15.87
C PRO B 85 -10.03 -23.03 14.53
N GLU B 86 -9.76 -24.33 14.59
CA GLU B 86 -9.91 -25.18 13.40
C GLU B 86 -11.27 -24.98 12.78
N GLY B 87 -11.28 -24.82 11.45
CA GLY B 87 -12.49 -24.54 10.71
C GLY B 87 -12.72 -23.07 10.42
N THR B 88 -12.03 -22.18 11.12
CA THR B 88 -12.19 -20.75 10.86
C THR B 88 -11.75 -20.46 9.45
N VAL B 89 -12.52 -19.65 8.74
CA VAL B 89 -12.10 -19.13 7.44
C VAL B 89 -11.39 -17.79 7.65
N CYS B 90 -10.14 -17.72 7.24
CA CYS B 90 -9.36 -16.51 7.35
C CYS B 90 -9.19 -15.92 5.97
N SER B 91 -8.73 -14.69 5.94
CA SER B 91 -8.25 -14.07 4.71
CA SER B 91 -8.26 -14.02 4.73
C SER B 91 -6.76 -13.85 4.87
N VAL B 92 -6.01 -14.16 3.82
CA VAL B 92 -4.59 -13.88 3.78
C VAL B 92 -4.44 -12.58 2.99
N LEU B 93 -4.02 -11.51 3.65
CA LEU B 93 -4.00 -10.18 3.01
C LEU B 93 -2.69 -10.03 2.25
N ILE B 94 -2.70 -10.54 1.03
CA ILE B 94 -1.51 -10.54 0.18
C ILE B 94 -1.48 -9.24 -0.60
N LYS B 95 -0.38 -8.53 -0.46
CA LYS B 95 0.02 -7.46 -1.34
C LYS B 95 1.06 -8.04 -2.26
N ARG B 96 0.97 -7.69 -3.54
CA ARG B 96 2.02 -7.98 -4.48
C ARG B 96 2.90 -6.76 -4.74
N ASP B 97 4.14 -7.01 -5.18
CA ASP B 97 5.05 -5.90 -5.46
C ASP B 97 4.47 -4.89 -6.44
N SER B 98 3.58 -5.33 -7.33
CA SER B 98 2.88 -4.44 -8.25
C SER B 98 1.89 -3.51 -7.56
N GLY B 99 1.49 -3.81 -6.32
CA GLY B 99 0.45 -3.11 -5.61
C GLY B 99 -0.90 -3.79 -5.65
N GLU B 100 -1.03 -4.83 -6.45
CA GLU B 100 -2.25 -5.59 -6.45
C GLU B 100 -2.54 -6.09 -5.04
N LEU B 101 -3.80 -5.99 -4.64
CA LEU B 101 -4.29 -6.61 -3.41
C LEU B 101 -4.92 -7.94 -3.80
N LEU B 102 -4.60 -9.00 -3.07
CA LEU B 102 -5.08 -10.33 -3.41
C LEU B 102 -5.46 -11.03 -2.13
N PRO B 103 -6.62 -10.70 -1.57
CA PRO B 103 -7.07 -11.41 -0.37
C PRO B 103 -7.45 -12.84 -0.76
N LEU B 104 -6.92 -13.81 -0.03
CA LEU B 104 -7.17 -15.22 -0.27
C LEU B 104 -7.97 -15.78 0.91
N ALA B 105 -9.07 -16.45 0.61
CA ALA B 105 -9.83 -17.13 1.65
C ALA B 105 -9.22 -18.51 1.88
N VAL B 106 -9.08 -18.87 3.14
CA VAL B 106 -8.43 -20.11 3.56
C VAL B 106 -9.22 -20.71 4.69
N ARG B 107 -9.50 -22.02 4.62
CA ARG B 107 -10.08 -22.74 5.74
C ARG B 107 -8.96 -23.33 6.57
N MET B 108 -8.88 -22.90 7.82
CA MET B 108 -7.73 -23.21 8.63
C MET B 108 -7.95 -24.59 9.23
N GLY B 109 -6.86 -25.35 9.31
CA GLY B 109 -6.88 -26.65 9.95
C GLY B 109 -6.13 -26.64 11.26
N ALA B 110 -5.22 -27.59 11.43
CA ALA B 110 -4.60 -27.82 12.72
C ALA B 110 -3.37 -26.96 12.95
N ILE B 111 -3.25 -26.47 14.17
CA ILE B 111 -2.01 -25.88 14.66
C ILE B 111 -1.07 -27.05 14.97
N ALA B 112 0.17 -26.97 14.48
CA ALA B 112 1.07 -28.11 14.63
C ALA B 112 2.50 -27.68 14.46
N SER B 113 3.40 -28.49 15.04
CA SER B 113 4.81 -28.39 14.70
C SER B 113 5.01 -29.16 13.40
N MET B 114 5.56 -28.49 12.38
CA MET B 114 5.77 -29.07 11.06
C MET B 114 7.23 -28.93 10.67
N ARG B 115 7.69 -29.79 9.74
CA ARG B 115 9.01 -29.68 9.13
C ARG B 115 8.83 -29.33 7.67
N ILE B 116 9.33 -28.16 7.26
CA ILE B 116 9.14 -27.68 5.90
C ILE B 116 10.50 -27.36 5.34
N GLN B 117 10.91 -28.07 4.29
CA GLN B 117 12.25 -27.99 3.71
C GLN B 117 13.31 -27.97 4.82
N GLY B 118 13.20 -28.94 5.73
CA GLY B 118 14.19 -29.13 6.76
C GLY B 118 14.01 -28.29 7.99
N ARG B 119 13.29 -27.17 7.91
CA ARG B 119 13.14 -26.21 9.00
C ARG B 119 11.85 -26.45 9.80
N LEU B 120 11.93 -26.20 11.11
CA LEU B 120 10.83 -26.44 12.05
C LEU B 120 9.94 -25.21 12.15
N VAL B 121 8.69 -25.34 11.74
CA VAL B 121 7.71 -24.25 11.73
C VAL B 121 6.62 -24.58 12.75
N HIS B 122 6.38 -23.68 13.70
CA HIS B 122 5.19 -23.74 14.55
C HIS B 122 4.10 -22.96 13.84
N GLY B 123 3.16 -23.66 13.26
CA GLY B 123 2.24 -22.97 12.40
C GLY B 123 0.90 -23.64 12.35
N GLN B 124 0.05 -23.14 11.47
CA GLN B 124 -1.28 -23.66 11.25
C GLN B 124 -1.46 -23.81 9.74
N SER B 125 -1.92 -24.97 9.31
CA SER B 125 -2.12 -25.16 7.89
C SER B 125 -3.55 -24.80 7.54
N GLY B 126 -3.76 -24.56 6.27
CA GLY B 126 -5.08 -24.26 5.78
C GLY B 126 -5.21 -24.58 4.31
N MET B 127 -6.45 -24.65 3.85
CA MET B 127 -6.79 -24.99 2.48
C MET B 127 -7.38 -23.75 1.82
N LEU B 128 -6.81 -23.38 0.68
CA LEU B 128 -7.36 -22.26 -0.10
C LEU B 128 -8.74 -22.63 -0.62
N LEU B 129 -9.68 -21.72 -0.48
CA LEU B 129 -11.04 -22.01 -0.94
C LEU B 129 -11.31 -21.65 -2.41
N GLY B 140 -3.55 -18.38 -5.83
CA GLY B 140 -2.34 -18.97 -5.26
C GLY B 140 -1.34 -18.02 -4.60
N THR B 141 -0.57 -18.50 -3.61
CA THR B 141 0.53 -17.74 -3.04
C THR B 141 1.82 -17.97 -3.82
N ILE B 142 2.76 -17.03 -3.72
CA ILE B 142 4.01 -17.10 -4.46
C ILE B 142 5.18 -16.81 -3.52
N PRO B 143 6.43 -16.98 -3.97
CA PRO B 143 7.56 -16.90 -3.02
C PRO B 143 7.72 -15.56 -2.30
N GLY B 144 7.32 -14.44 -2.88
CA GLY B 144 7.51 -13.17 -2.20
C GLY B 144 6.39 -12.78 -1.25
N ASP B 145 5.44 -13.68 -1.02
CA ASP B 145 4.27 -13.38 -0.19
C ASP B 145 4.49 -13.65 1.28
N CYS B 146 5.66 -14.15 1.71
CA CYS B 146 5.78 -14.54 3.10
C CYS B 146 5.72 -13.31 3.99
N GLY B 147 5.07 -13.49 5.14
CA GLY B 147 4.82 -12.40 6.05
C GLY B 147 3.42 -11.82 5.97
N ALA B 148 2.68 -12.10 4.93
CA ALA B 148 1.34 -11.57 4.80
C ALA B 148 0.48 -12.10 5.95
N PRO B 149 -0.38 -11.27 6.54
CA PRO B 149 -1.16 -11.67 7.71
C PRO B 149 -2.36 -12.58 7.38
N TYR B 150 -2.65 -13.46 8.32
CA TYR B 150 -3.89 -14.24 8.32
C TYR B 150 -4.86 -13.59 9.31
N VAL B 151 -5.96 -13.07 8.83
CA VAL B 151 -6.91 -12.37 9.68
C VAL B 151 -8.30 -12.97 9.55
N HIS B 152 -9.12 -12.68 10.56
CA HIS B 152 -10.53 -12.98 10.46
C HIS B 152 -11.25 -12.03 11.40
N LYS B 153 -12.52 -11.78 11.09
CA LYS B 153 -13.30 -10.79 11.79
C LYS B 153 -14.16 -11.48 12.82
N ARG B 154 -13.98 -11.12 14.09
CA ARG B 154 -14.74 -11.69 15.18
C ARG B 154 -15.50 -10.57 15.87
N GLY B 155 -16.82 -10.53 15.69
CA GLY B 155 -17.58 -9.43 16.24
C GLY B 155 -17.19 -8.18 15.49
N ASN B 156 -16.92 -7.11 16.23
CA ASN B 156 -16.49 -5.82 15.67
C ASN B 156 -15.01 -5.81 15.28
N ASP B 157 -14.21 -6.76 15.74
CA ASP B 157 -12.76 -6.65 15.72
C ASP B 157 -12.16 -7.60 14.69
N TRP B 158 -11.27 -7.07 13.84
CA TRP B 158 -10.40 -7.94 13.07
C TRP B 158 -9.33 -8.52 13.97
N VAL B 159 -9.13 -9.81 13.85
CA VAL B 159 -8.11 -10.54 14.60
C VAL B 159 -7.03 -10.97 13.62
N VAL B 160 -5.76 -10.84 14.02
CA VAL B 160 -4.66 -11.39 13.23
C VAL B 160 -4.13 -12.60 13.96
N CYS B 161 -3.91 -13.69 13.24
CA CYS B 161 -3.52 -14.92 13.94
C CYS B 161 -2.37 -15.66 13.30
N GLY B 162 -1.70 -15.09 12.29
CA GLY B 162 -0.49 -15.69 11.80
C GLY B 162 0.03 -14.92 10.61
N VAL B 163 1.20 -15.33 10.18
CA VAL B 163 1.87 -14.73 9.04
C VAL B 163 2.27 -15.82 8.06
N HIS B 164 2.04 -15.56 6.77
CA HIS B 164 2.31 -16.56 5.75
C HIS B 164 3.75 -17.03 5.77
N ALA B 165 3.94 -18.35 5.75
CA ALA B 165 5.26 -18.96 5.80
C ALA B 165 5.54 -20.00 4.72
N ALA B 166 4.53 -20.77 4.27
CA ALA B 166 4.80 -21.82 3.29
C ALA B 166 3.53 -22.20 2.55
N ALA B 167 3.72 -23.02 1.51
CA ALA B 167 2.62 -23.56 0.73
C ALA B 167 3.14 -24.74 -0.08
N THR B 168 2.22 -25.62 -0.45
CA THR B 168 2.55 -26.85 -1.18
C THR B 168 2.80 -26.55 -2.66
N LYS B 169 3.53 -27.46 -3.31
CA LYS B 169 3.71 -27.37 -4.76
C LYS B 169 2.37 -27.10 -5.43
N SER B 170 1.40 -27.96 -5.17
CA SER B 170 0.00 -27.70 -5.51
C SER B 170 -0.40 -26.24 -5.29
N GLY B 171 -0.09 -25.71 -4.10
CA GLY B 171 -0.57 -24.41 -3.69
C GLY B 171 -1.89 -24.44 -2.96
N ASN B 172 -2.63 -25.54 -3.03
CA ASN B 172 -3.94 -25.57 -2.40
C ASN B 172 -3.86 -25.62 -0.88
N THR B 173 -2.70 -25.90 -0.32
CA THR B 173 -2.48 -25.86 1.13
C THR B 173 -1.44 -24.81 1.45
N VAL B 174 -1.72 -24.01 2.48
CA VAL B 174 -0.79 -23.00 2.97
C VAL B 174 -0.52 -23.21 4.46
N VAL B 175 0.59 -22.66 4.93
CA VAL B 175 0.95 -22.63 6.35
C VAL B 175 1.25 -21.18 6.76
N CYS B 176 0.64 -20.72 7.86
CA CYS B 176 1.04 -19.50 8.53
C CYS B 176 1.82 -19.86 9.77
N ALA B 177 2.93 -19.15 10.00
CA ALA B 177 3.61 -19.23 11.29
C ALA B 177 2.71 -18.60 12.34
N VAL B 178 2.71 -19.17 13.54
CA VAL B 178 1.95 -18.60 14.65
C VAL B 178 2.85 -18.45 15.86
N GLN B 179 2.42 -17.59 16.76
CA GLN B 179 3.23 -17.21 17.91
C GLN B 179 3.21 -18.27 18.98
N ALA B 180 4.30 -18.33 19.75
CA ALA B 180 4.42 -19.14 20.97
C ALA B 180 3.11 -19.47 21.66
#